data_6Q6O
#
_entry.id   6Q6O
#
_cell.length_a   102.103
_cell.length_b   102.103
_cell.length_c   128.425
_cell.angle_alpha   90.000
_cell.angle_beta   90.000
_cell.angle_gamma   120.000
#
_symmetry.space_group_name_H-M   'P 61 2 2'
#
loop_
_entity.id
_entity.type
_entity.pdbx_description
1 polymer 'Nuclear receptor ROR-gamma'
2 non-polymer 'propan-2-yl (2~{S})-2-[[2,6-bis(chloranyl)phenyl]-(furan-2-ylcarbonyl)amino]propanoate'
3 non-polymer 'CHOLIC ACID'
4 water water
#
_entity_poly.entity_id   1
_entity_poly.type   'polypeptide(L)'
_entity_poly.pdbx_seq_one_letter_code
;GPYASLTEIEHLVQSVCKSYRETCQLRLEDLLRQRSNIFSREEVTGYQRKSMWEMWERCAHHLTEAIQYVVEFAKRLSGF
MELCQNDQIVLLKAGAMEVVLVRMCRAYNADNRTVFFEGKYGGMELFRALGCSELISSIFDFSHSLSALHFSEDEIALYT
ALVLINAHRPGLQEKRKVEQLQYNLELAFHHHLSKTHRQSILAKLPPKGKLRSLCSQHVERLQIFQHLHPIVVQAAFP
;
_entity_poly.pdbx_strand_id   A
#
loop_
_chem_comp.id
_chem_comp.type
_chem_comp.name
_chem_comp.formula
CHD non-polymer 'CHOLIC ACID' 'C24 H40 O5'
HKE non-polymer 'propan-2-yl (2~{S})-2-[[2,6-bis(chloranyl)phenyl]-(furan-2-ylcarbonyl)amino]propanoate' 'C17 H17 Cl2 N O4'
#
# COMPACT_ATOMS: atom_id res chain seq x y z
N ALA A 4 11.09 -21.45 13.78
CA ALA A 4 9.94 -20.76 14.41
C ALA A 4 8.85 -21.72 14.88
N SER A 5 8.48 -21.63 16.16
CA SER A 5 7.43 -22.47 16.75
C SER A 5 6.02 -21.89 16.48
N LEU A 6 5.01 -22.43 17.18
CA LEU A 6 3.65 -21.89 17.11
C LEU A 6 3.53 -20.60 17.92
N THR A 7 4.23 -20.54 19.06
CA THR A 7 4.32 -19.33 19.86
C THR A 7 5.03 -18.24 19.06
N GLU A 8 6.08 -18.62 18.33
CA GLU A 8 6.87 -17.66 17.55
C GLU A 8 6.10 -17.13 16.34
N ILE A 9 5.39 -18.01 15.66
CA ILE A 9 4.53 -17.62 14.53
C ILE A 9 3.39 -16.70 15.02
N GLU A 10 2.81 -17.03 16.17
CA GLU A 10 1.76 -16.21 16.77
C GLU A 10 2.26 -14.84 17.23
N HIS A 11 3.47 -14.82 17.82
CA HIS A 11 4.12 -13.57 18.18
C HIS A 11 4.42 -12.72 16.95
N LEU A 12 4.87 -13.37 15.87
CA LEU A 12 5.15 -12.69 14.61
C LEU A 12 3.90 -12.02 14.03
N VAL A 13 2.79 -12.77 14.02
CA VAL A 13 1.50 -12.22 13.60
C VAL A 13 1.16 -10.98 14.44
N GLN A 14 1.30 -11.09 15.76
CA GLN A 14 0.96 -10.00 16.67
C GLN A 14 1.81 -8.76 16.39
N SER A 15 3.11 -8.98 16.25
CA SER A 15 4.04 -7.91 15.95
C SER A 15 3.65 -7.14 14.68
N VAL A 16 3.39 -7.87 13.60
CA VAL A 16 3.01 -7.25 12.34
C VAL A 16 1.70 -6.47 12.46
N CYS A 17 0.74 -7.04 13.18
CA CYS A 17 -0.58 -6.42 13.30
C CYS A 17 -0.57 -5.16 14.15
N LYS A 18 0.24 -5.19 15.21
CA LYS A 18 0.44 -4.05 16.10
C LYS A 18 1.13 -2.90 15.34
N SER A 19 2.25 -3.22 14.67
CA SER A 19 2.96 -2.24 13.86
C SER A 19 2.04 -1.58 12.82
N TYR A 20 1.19 -2.38 12.18
CA TYR A 20 0.28 -1.85 11.18
C TYR A 20 -0.74 -0.91 11.79
N ARG A 21 -1.40 -1.36 12.85
CA ARG A 21 -2.37 -0.54 13.57
C ARG A 21 -1.80 0.82 13.97
N GLU A 22 -0.55 0.83 14.42
CA GLU A 22 0.11 2.06 14.86
C GLU A 22 0.59 2.94 13.71
N THR A 23 0.63 2.41 12.49
CA THR A 23 1.22 3.15 11.37
C THR A 23 0.28 3.22 10.17
N CYS A 24 -0.99 2.87 10.38
CA CYS A 24 -1.93 2.74 9.26
C CYS A 24 -2.31 4.08 8.64
N GLN A 25 -1.90 5.16 9.30
CA GLN A 25 -2.04 6.56 8.85
C GLN A 25 -3.47 7.07 9.03
N LEU A 26 -4.40 6.44 8.32
CA LEU A 26 -5.82 6.73 8.45
C LEU A 26 -6.53 5.50 9.01
N ARG A 27 -7.34 5.71 10.05
CA ARG A 27 -8.09 4.63 10.71
C ARG A 27 -9.24 4.20 9.81
N LEU A 28 -9.48 2.89 9.74
CA LEU A 28 -10.53 2.36 8.88
C LEU A 28 -11.91 2.89 9.25
N GLU A 29 -12.18 3.03 10.54
CA GLU A 29 -13.46 3.55 11.01
C GLU A 29 -13.71 4.97 10.48
N ASP A 30 -12.69 5.81 10.54
CA ASP A 30 -12.78 7.18 10.03
C ASP A 30 -13.02 7.20 8.53
N LEU A 31 -12.35 6.31 7.80
CA LEU A 31 -12.49 6.23 6.34
C LEU A 31 -13.87 5.72 5.91
N LEU A 32 -14.43 4.77 6.67
CA LEU A 32 -15.77 4.26 6.36
C LEU A 32 -16.84 5.31 6.71
N ARG A 33 -16.65 6.01 7.83
CA ARG A 33 -17.54 7.08 8.25
C ARG A 33 -17.61 8.24 7.24
N GLN A 34 -16.49 8.51 6.57
CA GLN A 34 -16.36 9.63 5.65
C GLN A 34 -16.86 9.34 4.24
N ARG A 35 -17.31 8.11 3.98
CA ARG A 35 -17.73 7.71 2.63
C ARG A 35 -18.83 8.61 2.02
N SER A 36 -19.65 9.20 2.89
CA SER A 36 -20.75 10.08 2.44
C SER A 36 -20.28 11.52 2.23
N ASN A 37 -19.07 11.83 2.71
CA ASN A 37 -18.46 13.14 2.49
C ASN A 37 -17.73 13.17 1.13
N ILE A 38 -18.48 13.55 0.10
CA ILE A 38 -18.05 13.44 -1.30
C ILE A 38 -17.96 14.83 -1.93
N PHE A 39 -16.83 15.11 -2.60
CA PHE A 39 -16.63 16.37 -3.33
C PHE A 39 -17.82 16.69 -4.22
N SER A 40 -18.30 17.93 -4.16
CA SER A 40 -19.35 18.41 -5.07
C SER A 40 -18.81 18.59 -6.49
N ARG A 41 -19.72 18.81 -7.44
CA ARG A 41 -19.33 19.07 -8.83
C ARG A 41 -18.42 20.28 -8.95
N GLU A 42 -18.70 21.31 -8.13
CA GLU A 42 -17.92 22.55 -8.11
C GLU A 42 -16.51 22.31 -7.59
N GLU A 43 -16.39 21.47 -6.57
CA GLU A 43 -15.11 21.13 -5.99
C GLU A 43 -14.26 20.28 -6.93
N VAL A 44 -14.92 19.38 -7.68
CA VAL A 44 -14.26 18.55 -8.67
C VAL A 44 -13.72 19.43 -9.80
N THR A 45 -14.57 20.32 -10.31
CA THR A 45 -14.17 21.30 -11.32
C THR A 45 -13.03 22.18 -10.80
N GLY A 46 -13.11 22.57 -9.53
CA GLY A 46 -12.02 23.28 -8.85
C GLY A 46 -10.68 22.55 -8.97
N TYR A 47 -10.71 21.22 -8.78
CA TYR A 47 -9.49 20.40 -8.91
C TYR A 47 -9.03 20.28 -10.35
N GLN A 48 -9.98 20.17 -11.27
CA GLN A 48 -9.67 19.94 -12.67
C GLN A 48 -9.06 21.17 -13.33
N ARG A 49 -9.38 22.34 -12.79
CA ARG A 49 -8.84 23.60 -13.30
C ARG A 49 -7.45 23.93 -12.78
N LYS A 50 -7.00 23.25 -11.73
CA LYS A 50 -5.67 23.49 -11.19
C LYS A 50 -4.61 23.14 -12.24
N SER A 51 -3.46 23.81 -12.16
CA SER A 51 -2.36 23.47 -13.05
C SER A 51 -1.83 22.07 -12.71
N MET A 52 -1.19 21.43 -13.68
CA MET A 52 -0.48 20.18 -13.46
C MET A 52 0.56 20.36 -12.34
N TRP A 53 1.21 21.53 -12.33
CA TRP A 53 2.21 21.87 -11.34
C TRP A 53 1.65 21.79 -9.91
N GLU A 54 0.50 22.43 -9.67
CA GLU A 54 -0.11 22.43 -8.34
C GLU A 54 -0.64 21.04 -7.98
N MET A 55 -1.27 20.38 -8.95
CA MET A 55 -1.76 19.01 -8.74
C MET A 55 -0.64 18.05 -8.41
N TRP A 56 0.49 18.16 -9.11
CA TRP A 56 1.67 17.35 -8.78
C TRP A 56 2.19 17.67 -7.38
N GLU A 57 2.16 18.95 -7.01
CA GLU A 57 2.61 19.36 -5.68
C GLU A 57 1.73 18.76 -4.55
N ARG A 58 0.42 18.70 -4.76
CA ARG A 58 -0.49 18.09 -3.79
C ARG A 58 -0.32 16.56 -3.73
N CYS A 59 -0.19 15.91 -4.89
CA CYS A 59 -0.03 14.46 -4.96
C CYS A 59 1.31 14.01 -4.36
N ALA A 60 2.38 14.73 -4.70
CA ALA A 60 3.70 14.47 -4.14
C ALA A 60 3.70 14.62 -2.62
N HIS A 61 2.96 15.60 -2.10
CA HIS A 61 2.83 15.76 -0.65
C HIS A 61 2.05 14.57 -0.04
N HIS A 62 0.92 14.22 -0.66
CA HIS A 62 0.13 13.05 -0.24
C HIS A 62 0.98 11.78 -0.19
N LEU A 63 1.73 11.54 -1.28
CA LEU A 63 2.57 10.35 -1.39
C LEU A 63 3.75 10.35 -0.42
N THR A 64 4.30 11.54 -0.18
CA THR A 64 5.41 11.70 0.76
C THR A 64 5.00 11.28 2.16
N GLU A 65 3.83 11.76 2.61
CA GLU A 65 3.28 11.39 3.91
C GLU A 65 2.97 9.90 4.03
N ALA A 66 2.33 9.34 3.00
CA ALA A 66 1.98 7.91 2.99
C ALA A 66 3.22 7.02 3.10
N ILE A 67 4.27 7.39 2.36
CA ILE A 67 5.52 6.65 2.39
C ILE A 67 6.21 6.72 3.75
N GLN A 68 6.07 7.84 4.43
CA GLN A 68 6.68 8.00 5.76
C GLN A 68 6.06 7.05 6.80
N TYR A 69 4.74 6.83 6.71
CA TYR A 69 4.08 5.84 7.56
C TYR A 69 4.51 4.41 7.26
N VAL A 70 4.75 4.12 5.98
CA VAL A 70 5.25 2.81 5.54
C VAL A 70 6.67 2.53 6.07
N VAL A 71 7.54 3.54 6.01
CA VAL A 71 8.87 3.47 6.62
C VAL A 71 8.78 3.10 8.10
N GLU A 72 7.87 3.75 8.81
CA GLU A 72 7.66 3.50 10.22
C GLU A 72 7.11 2.09 10.51
N PHE A 73 6.20 1.62 9.64
CA PHE A 73 5.70 0.24 9.66
C PHE A 73 6.87 -0.75 9.61
N ALA A 74 7.72 -0.62 8.61
CA ALA A 74 8.92 -1.45 8.46
C ALA A 74 9.76 -1.48 9.74
N LYS A 75 10.05 -0.30 10.29
CA LYS A 75 10.94 -0.17 11.43
C LYS A 75 10.42 -0.80 12.72
N ARG A 76 9.10 -0.93 12.85
CA ARG A 76 8.50 -1.56 14.03
C ARG A 76 8.35 -3.08 13.85
N LEU A 77 8.81 -3.59 12.72
CA LEU A 77 8.61 -4.98 12.35
C LEU A 77 9.67 -5.90 12.91
N SER A 78 9.19 -6.92 13.63
CA SER A 78 10.00 -8.02 14.12
C SER A 78 10.85 -8.58 13.00
N GLY A 79 12.15 -8.30 13.06
CA GLY A 79 13.08 -8.86 12.10
C GLY A 79 13.67 -7.86 11.12
N PHE A 80 12.92 -6.80 10.81
CA PHE A 80 13.37 -5.81 9.82
C PHE A 80 14.59 -5.04 10.32
N MET A 81 14.56 -4.67 11.61
CA MET A 81 15.69 -3.97 12.23
C MET A 81 16.87 -4.90 12.54
N GLU A 82 16.63 -6.21 12.50
CA GLU A 82 17.69 -7.22 12.65
C GLU A 82 18.56 -7.27 11.39
N LEU A 83 17.99 -6.88 10.26
CA LEU A 83 18.72 -6.84 8.99
C LEU A 83 19.71 -5.68 8.97
N CYS A 84 20.70 -5.75 8.08
CA CYS A 84 21.71 -4.68 7.95
C CYS A 84 21.14 -3.46 7.21
N GLN A 85 21.74 -2.29 7.46
CA GLN A 85 21.28 -1.02 6.89
C GLN A 85 21.08 -1.03 5.38
N ASN A 86 22.06 -1.53 4.64
CA ASN A 86 21.94 -1.65 3.19
C ASN A 86 20.64 -2.35 2.76
N ASP A 87 20.32 -3.46 3.44
CA ASP A 87 19.20 -4.31 3.04
C ASP A 87 17.88 -3.65 3.39
N GLN A 88 17.80 -3.08 4.59
CA GLN A 88 16.69 -2.24 5.01
C GLN A 88 16.33 -1.22 3.93
N ILE A 89 17.36 -0.56 3.38
CA ILE A 89 17.17 0.48 2.37
C ILE A 89 16.78 -0.10 1.01
N VAL A 90 17.43 -1.18 0.60
CA VAL A 90 17.07 -1.88 -0.64
C VAL A 90 15.57 -2.27 -0.65
N LEU A 91 15.09 -2.79 0.49
CA LEU A 91 13.70 -3.23 0.64
C LEU A 91 12.72 -2.06 0.61
N LEU A 92 13.04 -1.00 1.35
CA LEU A 92 12.21 0.21 1.36
C LEU A 92 12.14 0.88 0.01
N LYS A 93 13.30 1.04 -0.64
CA LYS A 93 13.39 1.61 -1.99
C LYS A 93 12.52 0.86 -2.99
N ALA A 94 12.60 -0.47 -2.97
CA ALA A 94 11.85 -1.27 -3.92
C ALA A 94 10.37 -1.44 -3.53
N GLY A 95 10.07 -1.50 -2.23
CA GLY A 95 8.74 -1.91 -1.77
C GLY A 95 7.82 -0.85 -1.16
N ALA A 96 8.38 0.26 -0.69
CA ALA A 96 7.57 1.24 0.06
C ALA A 96 6.37 1.75 -0.72
N MET A 97 6.57 2.06 -2.00
CA MET A 97 5.51 2.60 -2.84
C MET A 97 4.49 1.52 -3.21
N GLU A 98 4.95 0.28 -3.32
CA GLU A 98 4.09 -0.86 -3.55
C GLU A 98 3.12 -1.04 -2.37
N VAL A 99 3.63 -0.84 -1.15
CA VAL A 99 2.80 -0.88 0.05
C VAL A 99 1.77 0.25 0.06
N VAL A 100 2.18 1.43 -0.41
CA VAL A 100 1.27 2.58 -0.48
C VAL A 100 0.12 2.32 -1.47
N LEU A 101 0.42 1.67 -2.59
CA LEU A 101 -0.62 1.30 -3.56
C LEU A 101 -1.61 0.31 -2.95
N VAL A 102 -1.09 -0.66 -2.20
CA VAL A 102 -1.95 -1.64 -1.52
C VAL A 102 -2.77 -0.98 -0.42
N ARG A 103 -2.13 -0.12 0.37
CA ARG A 103 -2.80 0.62 1.44
C ARG A 103 -3.99 1.45 0.97
N MET A 104 -3.95 1.87 -0.30
CA MET A 104 -4.98 2.73 -0.86
C MET A 104 -6.39 2.13 -0.81
N CYS A 105 -6.49 0.81 -1.02
CA CYS A 105 -7.79 0.14 -1.10
C CYS A 105 -8.70 0.42 0.09
N ARG A 106 -8.12 0.62 1.27
CA ARG A 106 -8.89 0.96 2.48
C ARG A 106 -9.58 2.30 2.34
N ALA A 107 -8.90 3.23 1.66
CA ALA A 107 -9.37 4.58 1.42
C ALA A 107 -10.20 4.64 0.14
N TYR A 108 -10.49 3.48 -0.44
CA TYR A 108 -11.20 3.39 -1.70
C TYR A 108 -12.62 2.84 -1.51
N ASN A 109 -13.59 3.52 -2.10
CA ASN A 109 -15.00 3.11 -2.03
C ASN A 109 -15.46 2.54 -3.37
N ALA A 110 -15.56 1.21 -3.41
CA ALA A 110 -15.95 0.48 -4.62
C ALA A 110 -17.39 0.71 -5.06
N ASP A 111 -18.24 1.16 -4.13
CA ASP A 111 -19.64 1.44 -4.45
C ASP A 111 -19.78 2.52 -5.52
N ASN A 112 -18.97 3.56 -5.42
CA ASN A 112 -19.03 4.69 -6.35
C ASN A 112 -17.69 5.00 -7.03
N ARG A 113 -16.69 4.14 -6.81
CA ARG A 113 -15.34 4.28 -7.38
C ARG A 113 -14.67 5.60 -6.98
N THR A 114 -14.68 5.90 -5.70
CA THR A 114 -14.05 7.12 -5.19
C THR A 114 -12.92 6.78 -4.23
N VAL A 115 -12.05 7.77 -4.00
CA VAL A 115 -10.95 7.63 -3.06
C VAL A 115 -10.92 8.83 -2.12
N PHE A 116 -10.50 8.60 -0.88
CA PHE A 116 -10.34 9.68 0.07
C PHE A 116 -9.09 10.48 -0.29
N PHE A 117 -9.29 11.76 -0.59
CA PHE A 117 -8.19 12.63 -0.98
C PHE A 117 -8.45 14.05 -0.45
N GLU A 118 -7.52 14.55 0.37
CA GLU A 118 -7.60 15.91 0.91
C GLU A 118 -8.95 16.20 1.57
N GLY A 119 -9.41 15.26 2.41
CA GLY A 119 -10.59 15.49 3.26
C GLY A 119 -11.91 14.93 2.78
N LYS A 120 -12.01 14.57 1.50
CA LYS A 120 -13.25 14.01 0.95
C LYS A 120 -12.97 12.94 -0.11
N TYR A 121 -14.02 12.21 -0.46
CA TYR A 121 -13.98 11.22 -1.54
C TYR A 121 -14.26 11.82 -2.92
N GLY A 122 -13.45 11.43 -3.89
CA GLY A 122 -13.65 11.84 -5.27
C GLY A 122 -13.24 10.79 -6.26
N GLY A 123 -13.91 10.77 -7.40
CA GLY A 123 -13.56 9.87 -8.49
C GLY A 123 -12.21 10.22 -9.09
N MET A 124 -11.75 9.40 -10.02
CA MET A 124 -10.43 9.60 -10.62
C MET A 124 -10.35 10.85 -11.52
N GLU A 125 -11.52 11.36 -11.91
CA GLU A 125 -11.59 12.57 -12.75
C GLU A 125 -11.06 13.82 -12.05
N LEU A 126 -10.98 13.74 -10.71
CA LEU A 126 -10.39 14.74 -9.85
C LEU A 126 -8.94 15.07 -10.29
N PHE A 127 -8.24 14.05 -10.81
CA PHE A 127 -6.83 14.15 -11.13
C PHE A 127 -6.55 14.48 -12.59
N ARG A 128 -7.56 14.99 -13.29
CA ARG A 128 -7.51 15.20 -14.75
C ARG A 128 -6.31 16.02 -15.25
N ALA A 129 -6.02 17.13 -14.55
CA ALA A 129 -4.94 18.05 -14.89
C ALA A 129 -3.53 17.43 -14.98
N LEU A 130 -3.34 16.29 -14.33
CA LEU A 130 -2.07 15.56 -14.35
C LEU A 130 -1.79 14.89 -15.70
N GLY A 131 -2.83 14.69 -16.50
CA GLY A 131 -2.67 14.15 -17.86
C GLY A 131 -2.15 12.73 -17.97
N CYS A 132 -2.44 11.89 -16.98
CA CYS A 132 -2.16 10.45 -17.15
C CYS A 132 -3.28 9.58 -16.60
N SER A 133 -4.40 9.59 -17.32
CA SER A 133 -5.62 8.93 -16.88
C SER A 133 -5.53 7.40 -16.94
N GLU A 134 -4.67 6.89 -17.81
CA GLU A 134 -4.50 5.45 -17.97
C GLU A 134 -3.81 4.83 -16.75
N LEU A 135 -2.75 5.48 -16.27
CA LEU A 135 -2.07 5.02 -15.07
C LEU A 135 -3.00 5.13 -13.86
N ILE A 136 -3.62 6.30 -13.70
CA ILE A 136 -4.56 6.56 -12.61
C ILE A 136 -5.71 5.56 -12.60
N SER A 137 -6.30 5.28 -13.77
CA SER A 137 -7.38 4.30 -13.84
C SER A 137 -6.92 2.88 -13.51
N SER A 138 -5.68 2.54 -13.86
CA SER A 138 -5.07 1.26 -13.44
C SER A 138 -4.90 1.19 -11.94
N ILE A 139 -4.59 2.31 -11.31
CA ILE A 139 -4.46 2.36 -9.86
C ILE A 139 -5.82 2.15 -9.21
N PHE A 140 -6.84 2.82 -9.74
CA PHE A 140 -8.23 2.67 -9.28
C PHE A 140 -8.74 1.24 -9.51
N ASP A 141 -8.43 0.68 -10.67
CA ASP A 141 -8.74 -0.72 -10.99
C ASP A 141 -8.12 -1.70 -10.02
N PHE A 142 -6.84 -1.47 -9.69
CA PHE A 142 -6.14 -2.31 -8.73
C PHE A 142 -6.78 -2.26 -7.34
N SER A 143 -7.03 -1.04 -6.85
CA SER A 143 -7.77 -0.82 -5.61
C SER A 143 -9.17 -1.44 -5.61
N HIS A 144 -9.85 -1.41 -6.76
CA HIS A 144 -11.18 -1.98 -6.93
C HIS A 144 -11.18 -3.51 -6.76
N SER A 145 -10.22 -4.17 -7.41
CA SER A 145 -10.07 -5.62 -7.31
C SER A 145 -9.66 -6.07 -5.90
N LEU A 146 -8.84 -5.28 -5.21
CA LEU A 146 -8.49 -5.57 -3.82
C LEU A 146 -9.66 -5.44 -2.87
N SER A 147 -10.50 -4.42 -3.11
CA SER A 147 -11.65 -4.15 -2.26
C SER A 147 -12.70 -5.26 -2.31
N ALA A 148 -12.70 -6.02 -3.41
CA ALA A 148 -13.61 -7.15 -3.56
C ALA A 148 -13.25 -8.31 -2.62
N LEU A 149 -12.03 -8.31 -2.10
CA LEU A 149 -11.59 -9.31 -1.10
C LEU A 149 -12.01 -8.98 0.33
N HIS A 150 -12.43 -7.73 0.56
CA HIS A 150 -12.80 -7.24 1.89
C HIS A 150 -11.74 -7.53 2.97
N PHE A 151 -10.49 -7.18 2.66
CA PHE A 151 -9.37 -7.33 3.58
C PHE A 151 -9.70 -6.81 4.98
N SER A 152 -9.45 -7.65 5.98
CA SER A 152 -9.46 -7.19 7.35
C SER A 152 -8.21 -6.33 7.60
N GLU A 153 -8.19 -5.65 8.75
CA GLU A 153 -7.02 -4.87 9.13
C GLU A 153 -5.79 -5.77 9.28
N ASP A 154 -5.97 -6.91 9.93
CA ASP A 154 -4.88 -7.86 10.17
C ASP A 154 -4.36 -8.50 8.88
N GLU A 155 -5.26 -8.76 7.93
CA GLU A 155 -4.91 -9.29 6.61
C GLU A 155 -4.08 -8.30 5.80
N ILE A 156 -4.53 -7.05 5.76
CA ILE A 156 -3.75 -6.02 5.08
C ILE A 156 -2.37 -5.82 5.77
N ALA A 157 -2.33 -5.96 7.09
CA ALA A 157 -1.07 -5.89 7.85
C ALA A 157 -0.06 -6.95 7.36
N LEU A 158 -0.50 -8.20 7.34
CA LEU A 158 0.34 -9.33 6.97
C LEU A 158 0.74 -9.27 5.49
N TYR A 159 -0.24 -8.98 4.63
CA TYR A 159 -0.02 -8.86 3.21
C TYR A 159 1.00 -7.78 2.84
N THR A 160 0.83 -6.58 3.39
CA THR A 160 1.78 -5.49 3.16
C THR A 160 3.17 -5.79 3.75
N ALA A 161 3.21 -6.51 4.86
CA ALA A 161 4.50 -6.96 5.40
C ALA A 161 5.24 -7.85 4.40
N LEU A 162 4.48 -8.66 3.66
CA LEU A 162 5.03 -9.56 2.63
C LEU A 162 5.41 -8.87 1.32
N VAL A 163 4.72 -7.79 0.98
CA VAL A 163 5.11 -6.96 -0.17
C VAL A 163 6.52 -6.38 0.08
N LEU A 164 6.74 -5.95 1.31
CA LEU A 164 8.01 -5.34 1.72
C LEU A 164 9.15 -6.36 1.92
N ILE A 165 8.92 -7.40 2.72
CA ILE A 165 9.96 -8.40 3.00
C ILE A 165 10.03 -9.44 1.87
N ASN A 166 10.77 -9.08 0.83
CA ASN A 166 10.89 -9.83 -0.41
C ASN A 166 12.38 -10.08 -0.70
N ALA A 167 12.79 -11.34 -0.64
CA ALA A 167 14.21 -11.69 -0.77
C ALA A 167 14.70 -11.69 -2.22
N HIS A 168 13.81 -11.39 -3.16
CA HIS A 168 14.15 -11.36 -4.57
C HIS A 168 14.59 -9.99 -5.09
N ARG A 169 14.53 -8.97 -4.22
CA ARG A 169 14.97 -7.63 -4.59
C ARG A 169 16.46 -7.61 -4.93
N PRO A 170 16.83 -7.04 -6.09
CA PRO A 170 18.24 -7.00 -6.46
C PRO A 170 19.03 -6.10 -5.52
N GLY A 171 20.20 -6.57 -5.07
CA GLY A 171 21.11 -5.74 -4.30
C GLY A 171 21.20 -6.03 -2.82
N LEU A 172 20.58 -7.14 -2.39
CA LEU A 172 20.63 -7.54 -0.99
C LEU A 172 21.99 -8.16 -0.64
N GLN A 173 22.50 -7.83 0.53
CA GLN A 173 23.78 -8.37 0.99
C GLN A 173 23.62 -9.58 1.90
N GLU A 174 22.48 -9.69 2.58
CA GLU A 174 22.16 -10.86 3.40
C GLU A 174 20.88 -11.54 2.90
N LYS A 175 20.91 -12.02 1.66
CA LYS A 175 19.76 -12.62 0.99
C LYS A 175 19.11 -13.76 1.80
N ARG A 176 19.94 -14.61 2.42
CA ARG A 176 19.45 -15.75 3.20
C ARG A 176 18.70 -15.32 4.45
N LYS A 177 19.12 -14.20 5.03
CA LYS A 177 18.49 -13.67 6.23
C LYS A 177 17.13 -13.03 5.92
N VAL A 178 17.01 -12.41 4.74
CA VAL A 178 15.76 -11.84 4.26
C VAL A 178 14.78 -12.94 3.86
N GLU A 179 15.31 -13.98 3.20
CA GLU A 179 14.55 -15.18 2.85
C GLU A 179 13.84 -15.77 4.05
N GLN A 180 14.57 -15.96 5.14
CA GLN A 180 14.05 -16.54 6.37
C GLN A 180 12.95 -15.69 6.99
N LEU A 181 13.13 -14.38 6.99
CA LEU A 181 12.10 -13.46 7.46
C LEU A 181 10.86 -13.58 6.56
N GLN A 182 11.08 -13.62 5.25
CA GLN A 182 10.01 -13.77 4.27
C GLN A 182 9.22 -15.07 4.46
N TYR A 183 9.94 -16.19 4.59
CA TYR A 183 9.32 -17.50 4.82
C TYR A 183 8.50 -17.54 6.10
N ASN A 184 9.03 -16.92 7.16
CA ASN A 184 8.31 -16.83 8.43
C ASN A 184 7.01 -16.04 8.33
N LEU A 185 7.04 -14.95 7.57
CA LEU A 185 5.85 -14.13 7.33
C LEU A 185 4.84 -14.83 6.44
N GLU A 186 5.31 -15.59 5.45
CA GLU A 186 4.41 -16.38 4.58
C GLU A 186 3.64 -17.41 5.39
N LEU A 187 4.35 -18.16 6.24
CA LEU A 187 3.72 -19.14 7.12
C LEU A 187 2.78 -18.48 8.14
N ALA A 188 3.23 -17.37 8.74
CA ALA A 188 2.43 -16.63 9.71
C ALA A 188 1.12 -16.12 9.10
N PHE A 189 1.20 -15.67 7.86
CA PHE A 189 0.05 -15.20 7.09
C PHE A 189 -0.90 -16.38 6.81
N HIS A 190 -0.34 -17.47 6.28
CA HIS A 190 -1.09 -18.67 5.95
C HIS A 190 -1.80 -19.19 7.20
N HIS A 191 -1.06 -19.26 8.30
CA HIS A 191 -1.58 -19.72 9.58
C HIS A 191 -2.73 -18.86 10.11
N HIS A 192 -2.59 -17.54 10.04
CA HIS A 192 -3.64 -16.63 10.54
C HIS A 192 -4.93 -16.71 9.73
N LEU A 193 -4.78 -16.90 8.41
CA LEU A 193 -5.91 -17.09 7.52
C LEU A 193 -6.71 -18.37 7.84
N SER A 194 -6.01 -19.43 8.26
CA SER A 194 -6.68 -20.70 8.58
C SER A 194 -7.45 -20.58 9.89
N LYS A 195 -6.83 -19.91 10.86
CA LYS A 195 -7.50 -19.59 12.12
C LYS A 195 -8.74 -18.71 11.94
N THR A 196 -8.81 -18.00 10.83
CA THR A 196 -9.93 -17.10 10.57
C THR A 196 -10.83 -17.59 9.42
N HIS A 197 -10.57 -18.78 8.92
CA HIS A 197 -11.34 -19.39 7.80
C HIS A 197 -11.35 -18.53 6.54
N ARG A 198 -10.19 -17.93 6.26
CA ARG A 198 -10.03 -17.02 5.15
C ARG A 198 -9.03 -17.54 4.13
N GLN A 199 -8.74 -18.84 4.17
CA GLN A 199 -7.80 -19.48 3.23
C GLN A 199 -8.19 -19.23 1.77
N SER A 200 -9.49 -19.07 1.51
CA SER A 200 -10.00 -18.79 0.17
C SER A 200 -9.43 -17.52 -0.50
N ILE A 201 -8.89 -16.58 0.27
CA ILE A 201 -8.32 -15.37 -0.34
C ILE A 201 -6.97 -15.62 -1.01
N LEU A 202 -6.28 -16.70 -0.61
CA LEU A 202 -4.96 -17.03 -1.15
C LEU A 202 -4.98 -17.16 -2.68
N ALA A 203 -5.99 -17.85 -3.20
CA ALA A 203 -6.16 -18.05 -4.64
C ALA A 203 -6.67 -16.78 -5.33
N LYS A 204 -7.21 -15.86 -4.56
CA LYS A 204 -7.78 -14.63 -5.10
C LYS A 204 -6.81 -13.45 -5.07
N LEU A 205 -5.63 -13.63 -4.47
CA LEU A 205 -4.66 -12.55 -4.38
C LEU A 205 -4.10 -12.22 -5.76
N PRO A 206 -3.80 -10.93 -6.03
CA PRO A 206 -3.25 -10.60 -7.35
C PRO A 206 -1.93 -11.33 -7.61
N PRO A 207 -1.72 -11.81 -8.85
CA PRO A 207 -0.42 -12.41 -9.20
C PRO A 207 0.70 -11.43 -8.92
N LYS A 208 1.84 -11.91 -8.42
CA LYS A 208 2.94 -11.04 -7.98
C LYS A 208 3.39 -10.04 -9.04
N GLY A 209 3.33 -10.45 -10.30
CA GLY A 209 3.69 -9.60 -11.43
C GLY A 209 2.74 -8.44 -11.67
N LYS A 210 1.52 -8.54 -11.17
CA LYS A 210 0.52 -7.48 -11.32
C LYS A 210 0.96 -6.21 -10.59
N LEU A 211 1.26 -6.34 -9.29
CA LEU A 211 1.69 -5.21 -8.48
C LEU A 211 3.07 -4.69 -8.93
N ARG A 212 3.92 -5.61 -9.36
CA ARG A 212 5.25 -5.28 -9.86
C ARG A 212 5.17 -4.48 -11.15
N SER A 213 4.34 -4.93 -12.07
CA SER A 213 4.14 -4.25 -13.35
C SER A 213 3.45 -2.89 -13.18
N LEU A 214 2.48 -2.82 -12.26
CA LEU A 214 1.82 -1.55 -11.96
C LEU A 214 2.77 -0.55 -11.32
N CYS A 215 3.62 -1.03 -10.41
CA CYS A 215 4.60 -0.16 -9.75
C CYS A 215 5.72 0.30 -10.69
N SER A 216 6.03 -0.51 -11.70
CA SER A 216 7.01 -0.13 -12.74
C SER A 216 6.53 1.12 -13.46
N GLN A 217 5.33 1.04 -14.03
CA GLN A 217 4.71 2.16 -14.72
C GLN A 217 4.55 3.38 -13.81
N HIS A 218 4.17 3.11 -12.56
CA HIS A 218 3.96 4.16 -11.56
C HIS A 218 5.25 4.91 -11.25
N VAL A 219 6.29 4.18 -10.87
CA VAL A 219 7.59 4.76 -10.51
C VAL A 219 8.21 5.52 -11.68
N GLU A 220 8.01 4.99 -12.90
CA GLU A 220 8.41 5.69 -14.12
C GLU A 220 7.78 7.08 -14.25
N ARG A 221 6.44 7.13 -14.22
CA ARG A 221 5.70 8.40 -14.31
C ARG A 221 6.06 9.35 -13.17
N LEU A 222 6.19 8.80 -11.96
CA LEU A 222 6.64 9.56 -10.78
C LEU A 222 7.99 10.25 -10.98
N GLN A 223 8.94 9.51 -11.56
CA GLN A 223 10.28 10.03 -11.83
C GLN A 223 10.30 11.07 -12.94
N ILE A 224 9.36 10.97 -13.88
CA ILE A 224 9.22 11.95 -14.95
C ILE A 224 8.67 13.27 -14.37
N PHE A 225 7.72 13.17 -13.45
CA PHE A 225 7.20 14.34 -12.73
C PHE A 225 8.27 14.94 -11.81
N GLN A 226 9.06 14.07 -11.17
CA GLN A 226 10.15 14.46 -10.30
C GLN A 226 11.20 15.30 -11.04
N HIS A 227 11.56 14.87 -12.24
CA HIS A 227 12.57 15.52 -13.07
C HIS A 227 12.05 16.79 -13.75
N LEU A 228 10.81 16.74 -14.21
CA LEU A 228 10.15 17.85 -14.90
C LEU A 228 9.81 19.02 -13.95
N HIS A 229 10.06 18.81 -12.66
CA HIS A 229 9.71 19.77 -11.62
C HIS A 229 10.91 20.64 -11.26
C2 HKE B . -2.98 9.94 -5.02
C3 HKE B . -3.13 9.08 -6.14
C13 HKE B . -2.00 9.72 -8.32
C15 HKE B . -3.05 10.86 -8.33
C19 HKE B . -0.61 10.30 -8.55
C22 HKE B . 1.13 10.59 -10.18
C24 HKE B . 1.19 12.01 -10.81
C28 HKE B . 1.62 9.54 -11.22
CL1 HKE B . -1.49 10.84 -4.81
C4 HKE B . -4.32 8.35 -6.32
C5 HKE B . -5.36 8.50 -5.40
C7 HKE B . -5.22 9.35 -4.29
C9 HKE B . -4.02 10.07 -4.10
CL2 HKE B . -4.45 7.30 -7.71
N12 HKE B . -2.07 8.91 -7.07
O20 HKE B . 0.04 10.77 -7.64
O21 HKE B . -0.22 10.19 -9.84
C32 HKE B . -1.12 7.94 -6.84
O33 HKE B . -0.23 7.80 -7.65
C34 HKE B . -1.02 6.99 -5.71
O35 HKE B . 0.02 6.14 -5.69
C36 HKE B . -0.21 5.43 -4.57
C38 HKE B . -1.30 5.77 -3.88
C40 HKE B . -1.87 6.86 -4.68
C1 CHD C . 13.72 5.99 -0.46
C2 CHD C . 15.20 6.45 -0.57
C3 CHD C . 16.09 5.74 0.50
O3 CHD C . 17.35 6.43 0.50
C4 CHD C . 15.48 5.78 1.93
C5 CHD C . 13.93 5.54 2.03
C6 CHD C . 13.43 5.80 3.49
C7 CHD C . 13.25 7.31 3.85
O7 CHD C . 14.56 7.86 4.09
C8 CHD C . 12.38 8.07 2.80
C9 CHD C . 12.85 7.79 1.31
C10 CHD C . 13.04 6.24 0.94
C11 CHD C . 12.02 8.65 0.27
C12 CHD C . 11.90 10.18 0.60
O12 CHD C . 13.10 10.86 0.21
C13 CHD C . 11.40 10.46 2.07
C14 CHD C . 12.31 9.63 3.04
C15 CHD C . 11.94 10.16 4.45
C16 CHD C . 11.84 11.70 4.20
C17 CHD C . 11.68 11.91 2.65
C18 CHD C . 9.86 10.13 2.14
C19 CHD C . 11.68 5.46 0.79
C20 CHD C . 10.83 13.17 2.19
C21 CHD C . 11.30 13.60 0.77
C22 CHD C . 11.10 14.42 3.11
C23 CHD C . 9.88 15.36 3.32
O25 CHD C . 10.03 16.27 5.53
C24 CHD C . 10.15 16.45 4.32
O26 CHD C . 10.54 17.62 3.80
C1 CHD D . 9.05 12.13 -2.20
C2 CHD D . 9.73 13.27 -3.01
C3 CHD D . 8.66 14.04 -3.84
O3 CHD D . 9.32 15.06 -4.60
C4 CHD D . 7.88 13.08 -4.77
C5 CHD D . 7.33 11.78 -4.07
C6 CHD D . 6.66 10.82 -5.11
C7 CHD D . 7.66 9.90 -5.88
O7 CHD D . 8.34 10.69 -6.88
C8 CHD D . 8.58 9.11 -4.89
C9 CHD D . 9.29 10.06 -3.85
C10 CHD D . 8.31 11.04 -3.07
C11 CHD D . 10.30 9.25 -2.95
C12 CHD D . 11.27 8.31 -3.74
O12 CHD D . 12.29 9.09 -4.40
C13 CHD D . 10.51 7.30 -4.68
C14 CHD D . 9.64 8.19 -5.62
C15 CHD D . 9.18 7.21 -6.73
C16 CHD D . 10.53 6.50 -7.05
C17 CHD D . 11.41 6.55 -5.75
C18 CHD D . 9.73 6.26 -3.79
C19 CHD D . 7.44 10.29 -1.99
C20 CHD D . 12.22 5.22 -5.42
C21 CHD D . 13.19 5.46 -4.21
C22 CHD D . 13.13 4.76 -6.62
C23 CHD D . 14.10 5.83 -7.24
O25 CHD D . 16.44 5.28 -7.18
C24 CHD D . 15.38 5.25 -7.80
O26 CHD D . 15.27 4.74 -9.03
#